data_9UB3
#
_entry.id   9UB3
#
_cell.length_a   77.251
_cell.length_b   77.251
_cell.length_c   116.086
_cell.angle_alpha   90.00
_cell.angle_beta   90.00
_cell.angle_gamma   90.00
#
_symmetry.space_group_name_H-M   'P 43 21 2'
#
loop_
_entity.id
_entity.type
_entity.pdbx_description
1 polymer 'YqcI/YcgG family protein AglA'
2 non-polymer 'PROTOPORPHYRIN IX CONTAINING FE'
3 water water
#
_entity_poly.entity_id   1
_entity_poly.type   'polypeptide(L)'
_entity_poly.pdbx_seq_one_letter_code
;MESYLWRDSEVSRSGSGDEPFGWVPEAHSVFTERILAEEPPYPCYFGTQGQQRGNNSFSAVDTRYPDTHGPAALARSLRA
YRQRAWQGPKRQTLIVFVGPAVPGAELADDHRRFWTLLDELRAYDTEPWPADVPADPSDPRWQWCFDGEPWFIFAASPAY
KDRRSRDLGPCLTLVFQVRRVFEGIGGSTVAGKAAKRRVREGLARYDRIGPHPTLGDGDTSTDFKWRQYTLPDDDSVAAP
DACPVRHHAAAPVLPERNAVDGSALPQPHERQRP
;
_entity_poly.pdbx_strand_id   A
#
loop_
_chem_comp.id
_chem_comp.type
_chem_comp.name
_chem_comp.formula
HEM non-polymer 'PROTOPORPHYRIN IX CONTAINING FE' 'C34 H32 Fe N4 O4'
#
# COMPACT_ATOMS: atom_id res chain seq x y z
N SER A 3 -19.97 -1.83 -1.76
CA SER A 3 -19.05 -0.83 -1.17
C SER A 3 -17.90 -1.50 -0.40
N TYR A 4 -17.85 -1.00 0.85
CA TYR A 4 -16.75 -0.85 1.81
C TYR A 4 -15.63 0.10 1.35
N LEU A 5 -15.94 1.00 0.41
CA LEU A 5 -14.99 2.04 0.03
C LEU A 5 -15.42 3.35 0.69
N TRP A 6 -14.56 3.93 1.51
CA TRP A 6 -14.88 5.05 2.39
C TRP A 6 -13.97 6.24 2.13
N ARG A 7 -14.54 7.44 2.15
CA ARG A 7 -13.74 8.63 2.40
C ARG A 7 -13.50 8.75 3.91
N ASP A 8 -12.61 9.65 4.35
CA ASP A 8 -12.41 9.89 5.77
C ASP A 8 -13.68 10.16 6.55
N SER A 9 -14.55 11.02 6.02
CA SER A 9 -15.80 11.37 6.69
C SER A 9 -16.69 10.14 6.91
N GLU A 10 -16.57 9.12 6.05
CA GLU A 10 -17.44 7.97 6.09
C GLU A 10 -16.91 6.89 7.02
N VAL A 11 -15.65 6.99 7.43
CA VAL A 11 -15.15 6.03 8.39
C VAL A 11 -15.85 6.36 9.68
N SER A 12 -16.32 5.31 10.35
CA SER A 12 -17.13 5.50 11.53
C SER A 12 -16.30 6.12 12.65
N ARG A 13 -17.02 6.79 13.56
CA ARG A 13 -16.48 7.73 14.54
C ARG A 13 -15.84 6.93 15.68
N SER A 14 -16.51 5.85 16.06
CA SER A 14 -16.02 4.92 17.07
C SER A 14 -16.45 3.51 16.68
N GLY A 15 -15.91 2.49 17.35
CA GLY A 15 -16.15 1.12 16.91
C GLY A 15 -16.21 0.14 18.08
N SER A 16 -16.94 -0.97 17.89
CA SER A 16 -17.07 -2.00 18.90
C SER A 16 -16.28 -3.23 18.46
N GLY A 17 -15.20 -3.52 19.19
CA GLY A 17 -14.12 -4.39 18.72
C GLY A 17 -14.63 -5.72 18.16
N ASP A 18 -15.73 -6.23 18.77
CA ASP A 18 -16.20 -7.57 18.47
C ASP A 18 -16.99 -7.64 17.14
N GLU A 19 -17.49 -6.50 16.65
CA GLU A 19 -18.29 -6.51 15.43
C GLU A 19 -17.38 -6.46 14.20
N PRO A 20 -17.86 -6.84 12.99
CA PRO A 20 -17.09 -6.66 11.79
C PRO A 20 -16.64 -5.21 11.63
N PHE A 21 -15.36 -5.02 11.34
CA PHE A 21 -14.79 -3.68 11.18
C PHE A 21 -14.87 -2.81 12.44
N GLY A 22 -15.20 -3.37 13.58
CA GLY A 22 -15.27 -2.58 14.81
C GLY A 22 -13.91 -2.02 15.25
N TRP A 23 -12.81 -2.56 14.75
CA TRP A 23 -11.46 -2.08 15.07
C TRP A 23 -10.96 -1.06 14.04
N VAL A 24 -11.74 -0.77 12.98
CA VAL A 24 -11.24 0.08 11.91
C VAL A 24 -11.10 1.54 12.35
N PRO A 25 -12.05 2.12 13.12
CA PRO A 25 -11.91 3.50 13.56
C PRO A 25 -10.54 3.76 14.19
N GLU A 26 -10.07 2.77 14.94
CA GLU A 26 -8.84 2.95 15.68
C GLU A 26 -7.65 2.89 14.70
N ALA A 27 -7.64 1.90 13.79
CA ALA A 27 -6.59 1.82 12.79
C ALA A 27 -6.54 3.10 11.95
N HIS A 28 -7.73 3.65 11.59
CA HIS A 28 -7.81 4.87 10.81
C HIS A 28 -7.26 6.10 11.56
N SER A 29 -7.54 6.23 12.87
CA SER A 29 -7.04 7.34 13.68
C SER A 29 -5.54 7.32 13.77
N VAL A 30 -4.98 6.14 14.05
CA VAL A 30 -3.54 5.97 14.15
C VAL A 30 -2.90 6.27 12.79
N PHE A 31 -3.47 5.76 11.69
CA PHE A 31 -2.92 6.08 10.39
C PHE A 31 -2.91 7.60 10.19
N THR A 32 -4.04 8.30 10.46
CA THR A 32 -4.08 9.71 10.13
C THR A 32 -3.10 10.47 11.02
N GLU A 33 -2.97 10.06 12.29
CA GLU A 33 -1.99 10.65 13.21
C GLU A 33 -0.58 10.49 12.65
N ARG A 34 -0.22 9.28 12.18
CA ARG A 34 1.10 9.07 11.64
C ARG A 34 1.34 9.99 10.43
N ILE A 35 0.41 10.06 9.47
CA ILE A 35 0.80 10.75 8.24
C ILE A 35 0.71 12.26 8.39
N LEU A 36 0.00 12.78 9.41
CA LEU A 36 -0.13 14.21 9.62
C LEU A 36 0.88 14.72 10.66
N ALA A 37 1.73 13.85 11.20
CA ALA A 37 2.59 14.24 12.31
C ALA A 37 3.55 15.34 11.86
N GLU A 38 3.87 16.30 12.72
CA GLU A 38 4.56 17.45 12.18
C GLU A 38 6.03 17.40 12.51
N GLU A 39 6.48 16.56 13.47
CA GLU A 39 7.89 16.60 13.84
C GLU A 39 8.37 15.25 14.37
N PRO A 40 9.22 14.49 13.63
CA PRO A 40 9.54 14.78 12.24
C PRO A 40 8.32 14.55 11.35
N PRO A 41 8.22 15.25 10.20
CA PRO A 41 7.16 14.97 9.25
C PRO A 41 7.17 13.53 8.73
N TYR A 42 6.02 13.05 8.26
CA TYR A 42 5.96 11.77 7.60
C TYR A 42 6.78 11.93 6.31
N PRO A 43 7.67 10.99 5.95
CA PRO A 43 8.63 11.24 4.87
C PRO A 43 7.99 11.50 3.52
N CYS A 44 6.90 10.80 3.21
CA CYS A 44 6.26 11.04 1.92
C CYS A 44 5.24 12.16 2.03
N TYR A 45 5.67 13.34 1.60
CA TYR A 45 4.85 14.53 1.62
C TYR A 45 3.69 14.40 0.64
N PHE A 46 3.81 13.54 -0.37
CA PHE A 46 2.68 13.28 -1.26
C PHE A 46 1.51 12.63 -0.51
N GLY A 47 1.80 11.69 0.38
CA GLY A 47 0.73 11.02 1.14
C GLY A 47 0.09 11.95 2.16
N THR A 48 0.93 12.77 2.82
CA THR A 48 0.47 13.77 3.77
C THR A 48 -0.48 14.72 3.06
N GLN A 49 -0.04 15.29 1.94
CA GLN A 49 -0.88 16.20 1.17
C GLN A 49 -2.16 15.53 0.69
N GLY A 50 -2.04 14.30 0.17
CA GLY A 50 -3.21 13.52 -0.17
C GLY A 50 -4.19 13.51 0.99
N GLN A 51 -3.66 13.26 2.19
CA GLN A 51 -4.57 13.16 3.31
C GLN A 51 -5.23 14.50 3.59
N GLN A 52 -4.44 15.57 3.63
CA GLN A 52 -4.91 16.92 3.90
C GLN A 52 -5.96 17.37 2.90
N ARG A 53 -5.87 16.95 1.63
CA ARG A 53 -6.79 17.39 0.59
C ARG A 53 -8.02 16.48 0.51
N GLY A 54 -8.11 15.42 1.34
CA GLY A 54 -9.24 14.51 1.27
C GLY A 54 -9.15 13.58 0.06
N ASN A 55 -7.94 13.25 -0.40
CA ASN A 55 -7.73 12.44 -1.60
C ASN A 55 -7.41 10.98 -1.30
N ASN A 56 -7.42 10.58 -0.04
CA ASN A 56 -7.16 9.19 0.33
C ASN A 56 -8.47 8.48 0.61
N SER A 57 -8.65 7.28 0.04
CA SER A 57 -9.80 6.44 0.32
C SER A 57 -9.35 5.25 1.18
N PHE A 58 -10.32 4.60 1.84
CA PHE A 58 -10.02 3.53 2.77
C PHE A 58 -10.95 2.34 2.56
N SER A 59 -10.46 1.18 2.95
CA SER A 59 -11.28 -0.02 3.09
C SER A 59 -10.65 -0.92 4.14
N ALA A 60 -11.19 -2.12 4.29
CA ALA A 60 -10.68 -3.05 5.26
C ALA A 60 -11.08 -4.46 4.92
N VAL A 61 -10.36 -5.38 5.53
CA VAL A 61 -10.64 -6.81 5.51
C VAL A 61 -10.69 -7.24 6.97
N ASP A 62 -11.76 -7.97 7.35
CA ASP A 62 -11.89 -8.52 8.69
C ASP A 62 -11.73 -10.03 8.62
N THR A 63 -10.61 -10.53 9.16
CA THR A 63 -10.23 -11.91 8.97
C THR A 63 -11.24 -12.84 9.64
N ARG A 64 -12.04 -12.33 10.59
CA ARG A 64 -13.00 -13.12 11.32
C ARG A 64 -14.28 -13.29 10.50
N TYR A 65 -14.47 -12.51 9.44
CA TYR A 65 -15.74 -12.49 8.72
C TYR A 65 -15.45 -12.56 7.22
N PRO A 66 -14.78 -13.65 6.77
CA PRO A 66 -14.28 -13.75 5.40
C PRO A 66 -15.35 -13.79 4.31
N ASP A 67 -16.55 -14.32 4.59
CA ASP A 67 -17.56 -14.40 3.56
C ASP A 67 -18.15 -13.04 3.21
N THR A 68 -18.11 -12.09 4.13
CA THR A 68 -18.83 -10.84 3.95
C THR A 68 -17.90 -9.64 4.02
N HIS A 69 -16.75 -9.75 4.70
CA HIS A 69 -15.87 -8.62 4.94
C HIS A 69 -14.44 -9.02 4.60
N GLY A 70 -14.32 -9.86 3.55
CA GLY A 70 -13.09 -10.52 3.19
C GLY A 70 -12.65 -10.12 1.79
N PRO A 71 -11.85 -11.00 1.14
CA PRO A 71 -11.33 -10.72 -0.20
C PRO A 71 -12.40 -10.40 -1.25
N ALA A 72 -13.52 -11.12 -1.24
CA ALA A 72 -14.55 -10.89 -2.25
C ALA A 72 -15.06 -9.45 -2.13
N ALA A 73 -15.34 -8.99 -0.92
CA ALA A 73 -15.79 -7.64 -0.72
C ALA A 73 -14.68 -6.65 -1.11
N LEU A 74 -13.41 -6.97 -0.81
CA LEU A 74 -12.29 -6.11 -1.16
C LEU A 74 -12.17 -5.98 -2.68
N ALA A 75 -12.41 -7.08 -3.39
CA ALA A 75 -12.38 -7.01 -4.86
C ALA A 75 -13.41 -5.99 -5.36
N ARG A 76 -14.59 -5.99 -4.73
CA ARG A 76 -15.63 -5.05 -5.13
C ARG A 76 -15.17 -3.63 -4.80
N SER A 77 -14.60 -3.42 -3.62
CA SER A 77 -14.14 -2.11 -3.20
C SER A 77 -13.00 -1.61 -4.11
N LEU A 78 -12.11 -2.51 -4.52
CA LEU A 78 -11.04 -2.12 -5.44
C LEU A 78 -11.56 -1.70 -6.82
N ARG A 79 -12.54 -2.43 -7.36
CA ARG A 79 -13.19 -2.04 -8.60
C ARG A 79 -13.78 -0.64 -8.46
N ALA A 80 -14.47 -0.35 -7.37
CA ALA A 80 -15.01 0.99 -7.16
C ALA A 80 -13.88 2.01 -7.01
N TYR A 81 -12.80 1.67 -6.31
CA TYR A 81 -11.68 2.59 -6.10
C TYR A 81 -11.03 2.93 -7.45
N ARG A 82 -10.88 1.93 -8.30
CA ARG A 82 -10.21 2.12 -9.57
C ARG A 82 -10.93 3.18 -10.41
N GLN A 83 -12.27 3.13 -10.37
CA GLN A 83 -13.05 4.13 -11.08
C GLN A 83 -12.88 5.51 -10.46
N ARG A 84 -12.96 5.61 -9.13
CA ARG A 84 -12.71 6.88 -8.47
C ARG A 84 -11.31 7.45 -8.78
N ALA A 85 -10.33 6.58 -8.95
CA ALA A 85 -8.96 7.03 -8.96
C ALA A 85 -8.62 7.64 -10.32
N TRP A 86 -9.36 7.25 -11.37
CA TRP A 86 -9.16 7.82 -12.71
C TRP A 86 -10.07 9.02 -12.96
N GLN A 87 -10.79 9.52 -11.96
CA GLN A 87 -11.50 10.78 -12.14
C GLN A 87 -10.98 11.72 -11.06
N GLY A 88 -11.33 13.00 -11.11
CA GLY A 88 -10.95 13.94 -10.05
C GLY A 88 -9.43 14.01 -9.91
N PRO A 89 -8.90 14.35 -8.73
CA PRO A 89 -7.46 14.55 -8.58
C PRO A 89 -6.61 13.33 -8.98
N LYS A 90 -5.45 13.58 -9.58
CA LYS A 90 -4.56 12.48 -9.95
C LYS A 90 -3.95 11.74 -8.77
N ARG A 91 -3.64 12.47 -7.68
CA ARG A 91 -2.87 11.88 -6.59
C ARG A 91 -3.80 11.36 -5.49
N GLN A 92 -4.40 10.21 -5.74
CA GLN A 92 -5.24 9.56 -4.75
C GLN A 92 -4.56 8.27 -4.33
N THR A 93 -4.91 7.80 -3.12
CA THR A 93 -4.42 6.53 -2.64
C THR A 93 -5.56 5.79 -1.95
N LEU A 94 -5.52 4.45 -2.06
CA LEU A 94 -6.39 3.60 -1.25
C LEU A 94 -5.58 2.87 -0.17
N ILE A 95 -6.02 3.02 1.08
CA ILE A 95 -5.40 2.39 2.24
C ILE A 95 -6.38 1.38 2.80
N VAL A 96 -5.90 0.13 2.90
CA VAL A 96 -6.72 -1.00 3.31
C VAL A 96 -6.14 -1.61 4.57
N PHE A 97 -6.93 -1.52 5.64
CA PHE A 97 -6.54 -2.12 6.90
C PHE A 97 -7.00 -3.57 6.95
N VAL A 98 -6.07 -4.46 7.26
CA VAL A 98 -6.37 -5.88 7.44
C VAL A 98 -6.32 -6.19 8.94
N GLY A 99 -7.44 -6.59 9.51
CA GLY A 99 -7.47 -6.79 10.96
C GLY A 99 -8.47 -7.85 11.35
N PRO A 100 -8.69 -8.09 12.66
CA PRO A 100 -8.00 -7.36 13.71
C PRO A 100 -6.51 -7.63 13.80
N ALA A 101 -5.82 -6.69 14.46
CA ALA A 101 -4.39 -6.78 14.69
C ALA A 101 -4.09 -8.05 15.47
N VAL A 102 -2.98 -8.71 15.17
CA VAL A 102 -2.54 -9.87 15.91
C VAL A 102 -1.33 -9.47 16.75
N PRO A 103 -1.47 -9.29 18.09
CA PRO A 103 -0.32 -8.92 18.91
C PRO A 103 0.83 -9.90 18.74
N GLY A 104 2.05 -9.36 18.72
CA GLY A 104 3.22 -10.18 18.53
C GLY A 104 3.54 -10.54 17.08
N ALA A 105 2.69 -10.25 16.08
CA ALA A 105 2.98 -10.73 14.72
C ALA A 105 4.38 -10.29 14.27
N GLU A 106 5.11 -11.14 13.55
CA GLU A 106 6.40 -10.75 13.02
C GLU A 106 6.26 -10.28 11.56
N LEU A 107 7.31 -9.65 11.05
CA LEU A 107 7.27 -9.07 9.73
C LEU A 107 7.04 -10.17 8.68
N ALA A 108 7.72 -11.32 8.83
CA ALA A 108 7.52 -12.47 7.95
C ALA A 108 6.06 -12.88 7.87
N ASP A 109 5.35 -12.80 9.00
CA ASP A 109 3.97 -13.22 9.06
C ASP A 109 3.08 -12.24 8.33
N ASP A 110 3.28 -10.93 8.60
CA ASP A 110 2.55 -9.88 7.91
C ASP A 110 2.77 -9.98 6.41
N HIS A 111 4.04 -10.18 6.02
CA HIS A 111 4.38 -10.37 4.62
C HIS A 111 3.66 -11.59 4.04
N ARG A 112 3.64 -12.71 4.75
CA ARG A 112 2.92 -13.89 4.25
C ARG A 112 1.45 -13.53 4.05
N ARG A 113 0.85 -12.85 5.01
CA ARG A 113 -0.56 -12.51 4.90
C ARG A 113 -0.81 -11.61 3.69
N PHE A 114 0.12 -10.68 3.44
CA PHE A 114 -0.01 -9.78 2.32
C PHE A 114 -0.07 -10.55 1.01
N TRP A 115 0.86 -11.48 0.79
CA TRP A 115 0.88 -12.24 -0.44
C TRP A 115 -0.32 -13.17 -0.60
N THR A 116 -0.78 -13.82 0.48
CA THR A 116 -2.04 -14.58 0.47
C THR A 116 -3.22 -13.71 -0.01
N LEU A 117 -3.33 -12.49 0.50
CA LEU A 117 -4.47 -11.65 0.14
C LEU A 117 -4.42 -11.29 -1.35
N LEU A 118 -3.21 -10.97 -1.85
CA LEU A 118 -3.10 -10.65 -3.27
C LEU A 118 -3.53 -11.85 -4.08
N ASP A 119 -3.06 -13.05 -3.72
CA ASP A 119 -3.54 -14.27 -4.37
C ASP A 119 -5.06 -14.35 -4.32
N GLU A 120 -5.67 -14.19 -3.14
CA GLU A 120 -7.10 -14.41 -3.01
C GLU A 120 -7.89 -13.40 -3.87
N LEU A 121 -7.39 -12.16 -3.95
CA LEU A 121 -8.09 -11.14 -4.72
C LEU A 121 -8.16 -11.55 -6.20
N ARG A 122 -7.10 -12.21 -6.71
CA ARG A 122 -7.05 -12.66 -8.10
C ARG A 122 -8.33 -13.43 -8.44
N ALA A 123 -8.82 -14.23 -7.49
CA ALA A 123 -9.94 -15.13 -7.76
C ALA A 123 -11.20 -14.32 -8.01
N TYR A 124 -11.24 -13.06 -7.55
CA TYR A 124 -12.46 -12.28 -7.61
C TYR A 124 -12.33 -11.16 -8.65
N ASP A 125 -11.27 -11.19 -9.47
CA ASP A 125 -11.11 -10.28 -10.61
C ASP A 125 -12.11 -10.64 -11.71
N THR A 126 -12.78 -9.63 -12.27
CA THR A 126 -13.67 -9.88 -13.40
C THR A 126 -12.93 -9.70 -14.74
N GLU A 127 -11.70 -9.21 -14.73
CA GLU A 127 -11.04 -8.84 -15.97
C GLU A 127 -9.88 -9.79 -16.17
N PRO A 128 -9.53 -10.12 -17.44
CA PRO A 128 -8.38 -10.97 -17.66
C PRO A 128 -7.10 -10.22 -17.31
N TRP A 129 -6.05 -11.01 -17.06
CA TRP A 129 -4.73 -10.45 -16.80
C TRP A 129 -4.32 -9.58 -17.98
N PRO A 130 -3.80 -8.34 -17.80
CA PRO A 130 -3.46 -7.49 -18.94
C PRO A 130 -2.46 -8.14 -19.89
N ALA A 131 -2.73 -8.04 -21.19
CA ALA A 131 -1.90 -8.67 -22.19
C ALA A 131 -0.48 -8.10 -22.14
N ASP A 132 -0.34 -6.83 -21.77
CA ASP A 132 0.97 -6.18 -21.85
C ASP A 132 1.82 -6.30 -20.57
N VAL A 133 1.38 -7.05 -19.55
CA VAL A 133 2.17 -7.34 -18.36
C VAL A 133 2.32 -8.86 -18.28
N PRO A 134 3.53 -9.41 -18.11
CA PRO A 134 3.66 -10.86 -18.04
C PRO A 134 3.02 -11.43 -16.77
N ALA A 135 2.50 -12.67 -16.86
CA ALA A 135 1.77 -13.29 -15.75
C ALA A 135 2.71 -14.07 -14.82
N ASP A 136 3.87 -14.49 -15.33
CA ASP A 136 4.85 -15.20 -14.52
C ASP A 136 5.53 -14.23 -13.55
N PRO A 137 5.47 -14.49 -12.22
CA PRO A 137 6.05 -13.59 -11.25
C PRO A 137 7.56 -13.70 -11.12
N SER A 138 8.18 -14.63 -11.83
CA SER A 138 9.63 -14.63 -11.91
C SER A 138 10.12 -13.83 -13.12
N ASP A 139 9.22 -13.29 -13.95
CA ASP A 139 9.58 -12.39 -15.02
C ASP A 139 9.98 -11.00 -14.48
N PRO A 140 11.09 -10.39 -15.00
CA PRO A 140 11.51 -9.07 -14.54
C PRO A 140 10.44 -7.98 -14.61
N ARG A 141 9.46 -8.12 -15.51
CA ARG A 141 8.46 -7.08 -15.75
C ARG A 141 7.15 -7.38 -15.04
N TRP A 142 7.08 -8.43 -14.23
CA TRP A 142 5.85 -8.74 -13.53
C TRP A 142 5.47 -7.63 -12.55
N GLN A 143 4.17 -7.33 -12.55
CA GLN A 143 3.56 -6.49 -11.54
C GLN A 143 2.20 -7.09 -11.23
N TRP A 144 1.72 -6.86 -10.00
CA TRP A 144 0.37 -7.31 -9.67
C TRP A 144 -0.66 -6.46 -10.41
N CYS A 145 -1.65 -7.14 -11.01
CA CYS A 145 -2.65 -6.49 -11.85
C CYS A 145 -4.03 -6.87 -11.35
N PHE A 146 -5.00 -5.97 -11.49
CA PHE A 146 -6.35 -6.29 -11.10
C PHE A 146 -7.26 -5.34 -11.84
N ASP A 147 -8.38 -5.86 -12.31
CA ASP A 147 -9.36 -5.06 -13.04
C ASP A 147 -8.72 -4.42 -14.27
N GLY A 148 -7.76 -5.14 -14.85
CA GLY A 148 -7.30 -4.85 -16.19
C GLY A 148 -6.07 -3.95 -16.20
N GLU A 149 -5.43 -3.66 -15.06
CA GLU A 149 -4.24 -2.84 -15.13
C GLU A 149 -3.33 -3.11 -13.95
N PRO A 150 -2.03 -2.75 -14.06
CA PRO A 150 -1.10 -2.88 -12.95
C PRO A 150 -1.34 -1.83 -11.87
N TRP A 151 -1.07 -2.20 -10.63
CA TRP A 151 -1.15 -1.32 -9.46
C TRP A 151 0.23 -1.12 -8.86
N PHE A 152 0.42 0.01 -8.17
CA PHE A 152 1.56 0.25 -7.28
C PHE A 152 1.03 -0.06 -5.88
N ILE A 153 1.73 -0.92 -5.17
CA ILE A 153 1.19 -1.50 -3.95
C ILE A 153 2.35 -1.66 -2.99
N PHE A 154 2.13 -1.44 -1.69
CA PHE A 154 3.10 -1.92 -0.73
C PHE A 154 2.44 -2.28 0.60
N ALA A 155 3.19 -3.01 1.44
CA ALA A 155 2.70 -3.51 2.71
C ALA A 155 3.35 -2.72 3.84
N ALA A 156 2.50 -2.24 4.76
CA ALA A 156 2.91 -1.58 5.98
C ALA A 156 2.57 -2.47 7.16
N SER A 157 3.39 -2.43 8.19
CA SER A 157 3.26 -3.33 9.32
C SER A 157 3.87 -2.69 10.57
N PRO A 158 3.28 -2.94 11.78
CA PRO A 158 3.90 -2.48 13.01
C PRO A 158 5.20 -3.19 13.31
N ALA A 159 5.49 -4.31 12.66
CA ALA A 159 6.76 -4.98 12.90
C ALA A 159 7.95 -4.28 12.23
N TYR A 160 7.77 -3.24 11.42
CA TYR A 160 8.90 -2.45 10.97
C TYR A 160 9.42 -1.61 12.15
N LYS A 161 10.66 -1.90 12.58
CA LYS A 161 11.29 -1.18 13.69
C LYS A 161 12.22 -0.04 13.22
N ASP A 162 13.08 -0.29 12.21
CA ASP A 162 13.99 0.74 11.73
C ASP A 162 13.38 1.51 10.56
N ARG A 163 12.68 0.78 9.69
CA ARG A 163 12.03 1.36 8.52
C ARG A 163 10.67 1.86 8.96
N ARG A 164 10.70 2.88 9.84
CA ARG A 164 9.53 3.30 10.57
C ARG A 164 8.49 3.90 9.62
N SER A 165 8.96 4.44 8.48
CA SER A 165 8.09 4.93 7.43
C SER A 165 7.03 3.91 7.00
N ARG A 166 7.31 2.61 7.14
CA ARG A 166 6.37 1.58 6.72
C ARG A 166 5.55 0.99 7.86
N ASP A 167 5.58 1.66 9.01
CA ASP A 167 4.74 1.33 10.15
C ASP A 167 3.59 2.36 10.21
N LEU A 168 2.39 1.95 9.87
CA LEU A 168 1.30 2.92 9.73
C LEU A 168 0.24 2.70 10.80
N GLY A 169 0.60 1.89 11.81
CA GLY A 169 -0.30 1.53 12.87
C GLY A 169 -0.34 0.03 13.11
N PRO A 170 -1.30 -0.42 13.95
CA PRO A 170 -1.28 -1.76 14.52
C PRO A 170 -1.60 -2.89 13.54
N CYS A 171 -2.19 -2.57 12.37
CA CYS A 171 -2.61 -3.59 11.43
C CYS A 171 -1.66 -3.69 10.25
N LEU A 172 -1.59 -4.88 9.66
CA LEU A 172 -1.16 -5.02 8.28
C LEU A 172 -2.00 -4.07 7.44
N THR A 173 -1.29 -3.21 6.70
CA THR A 173 -1.97 -2.18 5.94
C THR A 173 -1.46 -2.23 4.52
N LEU A 174 -2.39 -2.27 3.55
CA LEU A 174 -2.06 -2.25 2.12
C LEU A 174 -2.33 -0.87 1.54
N VAL A 175 -1.34 -0.37 0.80
CA VAL A 175 -1.44 0.92 0.12
C VAL A 175 -1.45 0.66 -1.39
N PHE A 176 -2.56 1.02 -2.03
CA PHE A 176 -2.76 0.83 -3.44
C PHE A 176 -2.89 2.15 -4.20
N GLN A 177 -2.31 2.17 -5.40
CA GLN A 177 -2.41 3.32 -6.28
C GLN A 177 -2.41 2.83 -7.70
N VAL A 178 -3.11 3.55 -8.59
CA VAL A 178 -3.00 3.35 -10.03
C VAL A 178 -1.88 4.24 -10.58
N ARG A 179 -1.49 3.97 -11.85
CA ARG A 179 -0.34 4.55 -12.51
C ARG A 179 -0.49 6.08 -12.59
N ARG A 180 -1.74 6.56 -12.61
CA ARG A 180 -2.06 7.97 -12.76
C ARG A 180 -1.33 8.88 -11.77
N VAL A 181 -1.07 8.37 -10.56
CA VAL A 181 -0.51 9.19 -9.50
C VAL A 181 0.87 9.69 -9.88
N PHE A 182 1.60 9.02 -10.80
CA PHE A 182 2.96 9.43 -11.13
C PHE A 182 3.02 10.43 -12.29
N GLU A 183 1.88 11.00 -12.73
CA GLU A 183 1.92 11.92 -13.86
C GLU A 183 2.88 13.07 -13.56
N GLY A 184 3.81 13.31 -14.46
CA GLY A 184 4.77 14.39 -14.31
C GLY A 184 5.96 14.07 -13.42
N ILE A 185 5.96 12.94 -12.68
CA ILE A 185 7.07 12.70 -11.75
C ILE A 185 7.76 11.35 -11.99
N GLY A 186 7.70 10.91 -13.24
CA GLY A 186 8.46 9.75 -13.70
C GLY A 186 9.91 9.92 -13.27
N GLY A 187 10.52 8.81 -12.91
CA GLY A 187 11.86 8.76 -12.35
C GLY A 187 12.91 9.43 -13.20
N SER A 188 12.71 9.49 -14.52
CA SER A 188 13.73 10.07 -15.40
C SER A 188 13.57 11.58 -15.57
N THR A 189 12.53 12.20 -15.03
CA THR A 189 12.27 13.60 -15.29
C THR A 189 12.93 14.41 -14.18
N VAL A 190 13.14 15.71 -14.46
CA VAL A 190 13.70 16.64 -13.49
C VAL A 190 12.79 16.72 -12.24
N ALA A 191 11.46 16.78 -12.43
CA ALA A 191 10.52 16.81 -11.30
C ALA A 191 10.53 15.48 -10.55
N GLY A 192 10.68 14.38 -11.28
CA GLY A 192 10.74 13.05 -10.65
C GLY A 192 11.97 12.90 -9.75
N LYS A 193 13.11 13.35 -10.25
CA LYS A 193 14.34 13.34 -9.45
C LYS A 193 14.18 14.24 -8.21
N ALA A 194 13.52 15.41 -8.36
CA ALA A 194 13.32 16.32 -7.24
C ALA A 194 12.43 15.66 -6.18
N ALA A 195 11.39 14.93 -6.66
CA ALA A 195 10.53 14.18 -5.76
C ALA A 195 11.33 13.17 -4.95
N LYS A 196 12.18 12.36 -5.60
CA LYS A 196 13.04 11.41 -4.90
C LYS A 196 13.92 12.09 -3.85
N ARG A 197 14.59 13.19 -4.21
CA ARG A 197 15.48 13.86 -3.28
C ARG A 197 14.71 14.26 -2.03
N ARG A 198 13.53 14.80 -2.26
CA ARG A 198 12.75 15.39 -1.18
C ARG A 198 12.23 14.28 -0.27
N VAL A 199 11.68 13.21 -0.82
CA VAL A 199 11.21 12.13 0.04
C VAL A 199 12.40 11.52 0.80
N ARG A 200 13.52 11.25 0.11
CA ARG A 200 14.66 10.62 0.76
C ARG A 200 15.26 11.48 1.88
N GLU A 201 15.16 12.81 1.77
CA GLU A 201 15.61 13.66 2.86
C GLU A 201 14.73 13.39 4.09
N GLY A 202 13.42 13.23 3.87
CA GLY A 202 12.47 12.92 4.95
C GLY A 202 12.71 11.56 5.59
N LEU A 203 13.01 10.55 4.75
CA LEU A 203 13.37 9.23 5.22
C LEU A 203 14.59 9.32 6.14
N ALA A 204 15.60 10.15 5.79
CA ALA A 204 16.84 10.20 6.55
C ALA A 204 16.57 10.61 7.99
N ARG A 205 15.52 11.43 8.21
CA ARG A 205 15.24 11.99 9.53
C ARG A 205 14.18 11.17 10.26
N TYR A 206 13.51 10.25 9.58
CA TYR A 206 12.38 9.56 10.18
C TYR A 206 12.74 8.11 10.49
N ASP A 207 13.53 7.48 9.62
CA ASP A 207 13.86 6.07 9.69
C ASP A 207 15.24 5.90 10.30
N ARG A 208 15.50 4.71 10.86
CA ARG A 208 16.78 4.37 11.44
C ARG A 208 17.62 3.56 10.45
N ILE A 209 17.11 3.31 9.23
CA ILE A 209 17.87 2.63 8.19
C ILE A 209 17.61 3.40 6.91
N GLY A 210 18.58 3.43 5.98
CA GLY A 210 18.46 4.21 4.77
C GLY A 210 17.53 3.57 3.75
N PRO A 211 17.25 4.27 2.62
CA PRO A 211 16.43 3.73 1.55
C PRO A 211 16.94 2.38 1.05
N HIS A 212 15.99 1.49 0.75
CA HIS A 212 16.34 0.16 0.35
C HIS A 212 17.01 0.21 -1.01
N PRO A 213 18.01 -0.66 -1.22
CA PRO A 213 18.69 -0.73 -2.49
C PRO A 213 17.80 -0.99 -3.70
N THR A 214 16.63 -1.62 -3.55
CA THR A 214 15.81 -1.91 -4.72
C THR A 214 15.02 -0.69 -5.18
N LEU A 215 15.05 0.41 -4.42
CA LEU A 215 14.46 1.66 -4.86
C LEU A 215 15.26 2.18 -6.05
N GLY A 216 14.58 2.45 -7.15
CA GLY A 216 15.30 2.79 -8.35
C GLY A 216 15.87 4.22 -8.31
N ASP A 217 16.91 4.45 -9.10
CA ASP A 217 17.33 5.81 -9.35
C ASP A 217 16.43 6.48 -10.39
N GLY A 218 15.58 5.69 -11.08
CA GLY A 218 14.59 6.20 -12.02
C GLY A 218 15.19 6.41 -13.41
N ASP A 219 16.37 5.89 -13.69
CA ASP A 219 16.92 6.03 -15.03
C ASP A 219 16.39 4.95 -15.96
N THR A 220 16.17 3.75 -15.45
CA THR A 220 15.62 2.62 -16.20
C THR A 220 14.34 2.23 -15.49
N SER A 221 13.46 1.48 -16.15
CA SER A 221 12.35 0.83 -15.48
C SER A 221 12.92 -0.15 -14.47
N THR A 222 12.39 -0.20 -13.25
CA THR A 222 12.95 -1.08 -12.26
C THR A 222 12.32 -2.45 -12.51
N ASP A 223 13.20 -3.44 -12.61
CA ASP A 223 12.87 -4.85 -12.73
C ASP A 223 12.59 -5.44 -11.35
N PHE A 224 11.78 -6.51 -11.32
CA PHE A 224 11.40 -7.20 -10.10
C PHE A 224 10.85 -6.21 -9.08
N LYS A 225 9.85 -5.45 -9.54
CA LYS A 225 9.12 -4.52 -8.68
C LYS A 225 8.57 -5.23 -7.45
N TRP A 226 8.31 -6.55 -7.51
CA TRP A 226 7.71 -7.26 -6.39
C TRP A 226 8.52 -7.04 -5.10
N ARG A 227 9.84 -6.89 -5.23
CA ARG A 227 10.71 -6.75 -4.08
C ARG A 227 10.35 -5.48 -3.31
N GLN A 228 9.83 -4.47 -3.99
CA GLN A 228 9.47 -3.23 -3.33
C GLN A 228 8.16 -3.33 -2.52
N TYR A 229 7.30 -4.30 -2.84
CA TYR A 229 6.02 -4.42 -2.16
C TYR A 229 6.20 -4.76 -0.68
N THR A 230 7.18 -5.61 -0.38
CA THR A 230 7.44 -6.09 0.98
C THR A 230 8.92 -5.92 1.29
N LEU A 231 9.37 -4.69 1.53
CA LEU A 231 10.75 -4.45 1.92
C LEU A 231 11.07 -5.16 3.25
N PRO A 232 12.33 -5.62 3.46
CA PRO A 232 12.76 -6.03 4.79
C PRO A 232 13.05 -4.82 5.68
N ASP A 233 13.30 -5.06 6.94
CA ASP A 233 13.60 -3.98 7.87
C ASP A 233 15.10 -3.71 7.83
N ASP A 234 15.85 -4.51 7.05
CA ASP A 234 17.28 -4.31 6.85
C ASP A 234 17.59 -4.01 5.37
N ASP A 235 18.85 -4.13 4.95
CA ASP A 235 19.13 -3.86 3.55
C ASP A 235 19.39 -5.15 2.78
N SER A 236 18.93 -6.30 3.28
CA SER A 236 18.99 -7.53 2.50
C SER A 236 18.16 -7.39 1.23
N VAL A 237 18.64 -8.01 0.15
CA VAL A 237 17.97 -8.02 -1.13
C VAL A 237 17.58 -9.46 -1.44
N ALA A 238 16.28 -9.74 -1.60
CA ALA A 238 15.83 -11.06 -2.01
C ALA A 238 16.26 -11.41 -3.44
N ALA A 239 16.30 -12.71 -3.74
CA ALA A 239 16.64 -13.20 -5.08
C ALA A 239 15.55 -12.77 -6.05
N PRO A 240 15.87 -12.30 -7.27
CA PRO A 240 14.84 -11.77 -8.14
C PRO A 240 13.72 -12.79 -8.34
N ASP A 241 14.06 -14.08 -8.29
CA ASP A 241 13.13 -15.10 -8.69
C ASP A 241 12.34 -15.67 -7.50
N ALA A 242 12.33 -15.03 -6.33
CA ALA A 242 11.68 -15.67 -5.18
C ALA A 242 10.33 -15.04 -4.82
N CYS A 243 9.65 -14.36 -5.76
CA CYS A 243 8.36 -13.80 -5.44
C CYS A 243 7.46 -14.89 -4.89
N PRO A 244 6.79 -14.72 -3.72
CA PRO A 244 5.96 -15.78 -3.16
C PRO A 244 4.56 -16.02 -3.80
N VAL A 245 4.07 -15.23 -4.75
CA VAL A 245 2.66 -15.39 -5.15
C VAL A 245 2.41 -16.78 -5.78
CHA HEM B . 8.04 7.20 -1.34
CHB HEM B . 4.36 6.20 1.55
CHC HEM B . 1.35 8.54 -1.47
CHD HEM B . 5.07 9.34 -4.38
C1A HEM B . 7.26 6.70 -0.34
C2A HEM B . 7.78 5.90 0.71
C3A HEM B . 6.75 5.62 1.52
C4A HEM B . 5.61 6.24 0.98
CMA HEM B . 6.78 4.82 2.78
CAA HEM B . 9.26 5.50 0.90
CBA HEM B . 9.74 4.37 -0.01
CGA HEM B . 9.10 3.07 0.39
O1A HEM B . 9.04 2.58 1.57
O2A HEM B . 8.65 2.41 -0.55
C1B HEM B . 3.24 6.79 0.97
C2B HEM B . 1.94 6.76 1.58
C3B HEM B . 1.07 7.36 0.73
C4B HEM B . 1.90 7.85 -0.39
CMB HEM B . 1.57 6.05 2.88
CAB HEM B . -0.37 7.66 0.82
CBB HEM B . -1.05 7.58 1.92
C1C HEM B . 2.10 8.93 -2.57
C2C HEM B . 1.60 9.60 -3.69
C3C HEM B . 2.64 9.79 -4.50
C4C HEM B . 3.81 9.27 -3.86
CMC HEM B . 0.13 9.94 -3.92
CAC HEM B . 2.74 10.50 -5.77
CBC HEM B . 1.87 11.33 -6.13
C1D HEM B . 6.15 8.84 -3.74
C2D HEM B . 7.49 8.94 -4.29
C3D HEM B . 8.35 8.34 -3.45
C4D HEM B . 7.49 7.88 -2.40
CMD HEM B . 7.87 9.60 -5.57
CAD HEM B . 9.85 8.21 -3.56
CBD HEM B . 10.43 7.03 -4.29
CGD HEM B . 11.96 7.16 -4.31
O1D HEM B . 12.63 7.93 -3.58
O2D HEM B . 12.59 6.45 -5.12
NA HEM B . 5.94 6.88 -0.16
NB HEM B . 3.17 7.46 -0.15
NC HEM B . 3.42 8.72 -2.71
ND HEM B . 6.19 8.20 -2.60
FE HEM B . 4.75 7.94 -1.35
#